data_4JBU
#
_entry.id   4JBU
#
_cell.length_a   39.553
_cell.length_b   51.442
_cell.length_c   65.178
_cell.angle_alpha   90.000
_cell.angle_beta   92.000
_cell.angle_gamma   90.000
#
_symmetry.space_group_name_H-M   'P 1 21 1'
#
loop_
_entity.id
_entity.type
_entity.pdbx_description
1 polymer 'Virulence-associated V antigen'
2 non-polymer 'TETRAETHYLENE GLYCOL'
3 water water
#
_entity_poly.entity_id   1
_entity_poly.type   'polypeptide(L)'
_entity_poly.pdbx_seq_one_letter_code
;GHMGSSVLEELVQLVKDKNIDISIKYDPRKDSEVFANRVITDDIELLKKILAYFLPEDAILKGGHYDNQLQNGIKRVKEF
LESSPNTQWELRAFMAVMHFSLTADRIDDDILKVIVDSMNHHGDARSKLREELAELTAELKIYSVIQAEINKHLSSSGTI
NIHDKSINLMDKNLYGYTDEEIFKASAEYKILEKMPQTTIQVDGSEKKIVSIKDFLGSENKRTGALGNLKNSYSYNKDNN
ELSHFATTSSDKSRPLNDLVSQKTTQLSDITSRFNSAIEALNRFIQKYDSVMQRLLDD
;
_entity_poly.pdbx_strand_id   A
#
loop_
_chem_comp.id
_chem_comp.type
_chem_comp.name
_chem_comp.formula
PG4 non-polymer 'TETRAETHYLENE GLYCOL' 'C8 H18 O5'
#
# COMPACT_ATOMS: atom_id res chain seq x y z
N GLY A 1 22.84 19.11 4.97
CA GLY A 1 22.00 18.59 6.03
C GLY A 1 22.55 18.99 7.39
N HIS A 2 21.88 18.57 8.44
CA HIS A 2 22.21 19.03 9.76
C HIS A 2 23.31 18.21 10.44
N MET A 3 23.78 18.72 11.57
CA MET A 3 24.71 18.00 12.40
C MET A 3 23.93 17.01 13.21
N GLY A 4 24.55 15.86 13.51
CA GLY A 4 23.96 14.87 14.38
C GLY A 4 25.01 14.32 15.32
N SER A 5 24.55 13.62 16.36
CA SER A 5 25.46 12.87 17.21
C SER A 5 25.13 11.39 16.97
N SER A 6 25.79 10.53 17.71
CA SER A 6 25.64 9.07 17.59
C SER A 6 24.23 8.61 17.26
N VAL A 7 24.06 7.94 16.12
CA VAL A 7 22.78 7.34 15.77
C VAL A 7 22.47 6.16 16.69
N LEU A 8 23.50 5.41 17.07
CA LEU A 8 23.33 4.34 18.06
C LEU A 8 22.71 4.87 19.36
N GLU A 9 23.30 5.90 19.94
CA GLU A 9 22.74 6.46 21.17
C GLU A 9 21.35 7.05 20.96
N GLU A 10 21.11 7.63 19.78
CA GLU A 10 19.84 8.23 19.51
C GLU A 10 18.73 7.17 19.48
N LEU A 11 19.03 6.03 18.87
CA LEU A 11 18.03 4.99 18.72
C LEU A 11 17.80 4.27 20.02
N VAL A 12 18.89 4.03 20.74
CA VAL A 12 18.84 3.39 22.04
C VAL A 12 17.96 4.21 22.96
N GLN A 13 18.16 5.52 22.98
CA GLN A 13 17.33 6.38 23.81
C GLN A 13 15.87 6.36 23.37
N LEU A 14 15.62 6.36 22.05
CA LEU A 14 14.26 6.39 21.57
C LEU A 14 13.51 5.11 21.95
N VAL A 15 14.13 3.95 21.76
CA VAL A 15 13.40 2.73 22.06
C VAL A 15 13.17 2.61 23.56
N LYS A 16 14.07 3.19 24.37
CA LYS A 16 13.83 3.24 25.82
C LYS A 16 12.68 4.18 26.14
N ASP A 17 12.73 5.41 25.62
CA ASP A 17 11.62 6.35 25.82
C ASP A 17 10.28 5.77 25.42
N LYS A 18 10.23 5.05 24.30
CA LYS A 18 8.93 4.61 23.76
C LYS A 18 8.61 3.16 24.14
N ASN A 19 9.41 2.59 25.03
CA ASN A 19 9.23 1.20 25.45
C ASN A 19 9.09 0.21 24.28
N ILE A 20 10.04 0.32 23.36
CA ILE A 20 10.12 -0.61 22.25
C ILE A 20 11.30 -1.58 22.41
N ASP A 21 11.07 -2.85 22.09
CA ASP A 21 12.10 -3.86 21.92
CA ASP A 21 12.20 -3.72 21.86
C ASP A 21 12.11 -4.31 20.46
N ILE A 22 13.26 -4.73 19.94
CA ILE A 22 13.34 -5.23 18.59
C ILE A 22 13.93 -6.62 18.67
N SER A 23 13.22 -7.58 18.10
CA SER A 23 13.64 -8.97 18.19
CA SER A 23 13.58 -8.99 18.20
C SER A 23 13.53 -9.71 16.86
N ILE A 24 14.41 -10.69 16.69
CA ILE A 24 14.31 -11.60 15.58
C ILE A 24 13.36 -12.67 16.04
N LYS A 25 12.28 -12.85 15.29
CA LYS A 25 11.33 -13.94 15.56
C LYS A 25 11.25 -14.92 14.41
N TYR A 26 10.97 -16.16 14.77
CA TYR A 26 10.85 -17.26 13.84
C TYR A 26 9.90 -16.89 12.73
N ASP A 27 10.26 -17.22 11.49
CA ASP A 27 9.42 -16.94 10.31
C ASP A 27 9.18 -18.27 9.61
N PRO A 28 7.95 -18.79 9.68
CA PRO A 28 7.65 -20.11 9.13
C PRO A 28 7.80 -20.20 7.61
N ARG A 29 7.98 -19.08 6.93
CA ARG A 29 8.18 -19.13 5.50
C ARG A 29 9.67 -19.25 5.14
N LYS A 30 10.53 -19.12 6.15
CA LYS A 30 11.96 -19.06 5.88
C LYS A 30 12.76 -20.07 6.71
N ASP A 31 12.45 -20.17 8.01
CA ASP A 31 13.30 -20.89 8.96
C ASP A 31 12.93 -22.35 9.10
N SER A 32 13.94 -23.21 9.27
CA SER A 32 13.69 -24.65 9.28
C SER A 32 13.29 -25.17 10.65
N GLU A 33 13.76 -24.52 11.71
CA GLU A 33 13.40 -24.92 13.06
C GLU A 33 12.91 -23.72 13.84
N VAL A 34 11.94 -23.94 14.71
CA VAL A 34 11.43 -22.89 15.56
C VAL A 34 12.46 -22.57 16.66
N PHE A 35 12.68 -21.28 16.90
CA PHE A 35 13.60 -20.80 17.94
C PHE A 35 12.93 -19.72 18.80
N ALA A 36 13.40 -19.57 20.03
CA ALA A 36 12.96 -18.49 20.90
C ALA A 36 13.35 -17.11 20.35
N ASN A 37 12.53 -16.10 20.63
CA ASN A 37 12.80 -14.75 20.14
C ASN A 37 14.18 -14.31 20.59
N ARG A 38 14.91 -13.67 19.69
CA ARG A 38 16.20 -13.10 20.01
C ARG A 38 16.13 -11.57 20.03
N VAL A 39 16.14 -11.00 21.23
CA VAL A 39 16.01 -9.55 21.41
C VAL A 39 17.33 -8.86 21.09
N ILE A 40 17.38 -8.07 20.03
CA ILE A 40 18.67 -7.52 19.58
C ILE A 40 18.94 -6.14 20.22
N THR A 41 17.91 -5.52 20.76
CA THR A 41 18.11 -4.29 21.49
C THR A 41 18.65 -4.59 22.88
N ASP A 42 18.83 -5.88 23.19
CA ASP A 42 19.45 -6.30 24.44
C ASP A 42 20.92 -6.60 24.29
N ASP A 43 21.42 -6.47 23.06
CA ASP A 43 22.82 -6.78 22.71
C ASP A 43 23.32 -5.64 21.83
N ILE A 44 23.95 -4.64 22.42
CA ILE A 44 24.35 -3.43 21.68
C ILE A 44 25.36 -3.71 20.58
N GLU A 45 26.19 -4.73 20.75
CA GLU A 45 27.15 -5.10 19.70
C GLU A 45 26.45 -5.65 18.45
N LEU A 46 25.38 -6.41 18.67
CA LEU A 46 24.59 -6.94 17.58
C LEU A 46 23.81 -5.81 16.90
N LEU A 47 23.24 -4.92 17.71
CA LEU A 47 22.56 -3.74 17.18
C LEU A 47 23.52 -2.87 16.34
N LYS A 48 24.76 -2.67 16.82
CA LYS A 48 25.73 -1.92 16.02
C LYS A 48 26.04 -2.61 14.67
N LYS A 49 26.07 -3.93 14.64
CA LYS A 49 26.36 -4.64 13.41
C LYS A 49 25.22 -4.45 12.40
N ILE A 50 23.99 -4.48 12.90
CA ILE A 50 22.78 -4.24 12.10
C ILE A 50 22.81 -2.82 11.53
N LEU A 51 23.10 -1.84 12.38
CA LEU A 51 23.14 -0.46 11.89
C LEU A 51 24.24 -0.30 10.84
N ALA A 52 25.35 -1.03 11.00
CA ALA A 52 26.49 -0.85 10.09
C ALA A 52 26.23 -1.39 8.68
N TYR A 53 25.17 -2.19 8.53
CA TYR A 53 24.75 -2.59 7.22
C TYR A 53 24.25 -1.37 6.43
N PHE A 54 23.68 -0.40 7.14
CA PHE A 54 23.12 0.78 6.50
C PHE A 54 23.95 2.05 6.61
N LEU A 55 24.73 2.15 7.68
CA LEU A 55 25.36 3.39 8.03
C LEU A 55 26.82 3.19 8.24
N PRO A 56 27.58 4.26 8.01
CA PRO A 56 29.00 4.18 8.36
C PRO A 56 29.26 4.25 9.86
N GLU A 57 30.38 3.66 10.26
CA GLU A 57 30.70 3.60 11.68
C GLU A 57 30.70 5.02 12.25
N ASP A 58 31.06 5.99 11.44
CA ASP A 58 31.20 7.36 11.87
C ASP A 58 29.87 7.90 12.38
N ALA A 59 28.80 7.60 11.66
CA ALA A 59 27.46 8.08 12.00
C ALA A 59 26.95 7.32 13.22
N ILE A 60 27.25 6.04 13.26
CA ILE A 60 26.74 5.18 14.32
C ILE A 60 27.26 5.60 15.69
N LEU A 61 28.57 5.85 15.74
CA LEU A 61 29.26 6.08 17.01
C LEU A 61 29.42 7.56 17.40
N LYS A 62 29.60 8.44 16.42
CA LYS A 62 30.01 9.81 16.66
C LYS A 62 29.12 10.88 16.05
N GLY A 63 28.26 10.49 15.13
CA GLY A 63 27.43 11.46 14.41
C GLY A 63 28.20 12.16 13.30
N GLY A 64 28.05 13.48 13.17
CA GLY A 64 28.79 14.23 12.16
C GLY A 64 27.86 15.15 11.38
N HIS A 65 28.36 15.67 10.26
CA HIS A 65 27.58 16.55 9.39
C HIS A 65 26.91 15.70 8.35
N TYR A 66 25.61 15.47 8.51
CA TYR A 66 24.86 14.52 7.68
C TYR A 66 24.40 15.18 6.42
N ASP A 67 24.43 14.44 5.31
CA ASP A 67 23.80 14.95 4.09
C ASP A 67 22.27 14.94 4.24
N ASN A 68 21.57 15.62 3.34
CA ASN A 68 20.13 15.74 3.48
C ASN A 68 19.42 14.40 3.48
N GLN A 69 19.89 13.50 2.64
CA GLN A 69 19.28 12.19 2.56
C GLN A 69 19.36 11.49 3.91
N LEU A 70 20.52 11.59 4.56
CA LEU A 70 20.72 10.89 5.79
C LEU A 70 19.93 11.54 6.92
N GLN A 71 19.89 12.88 6.94
CA GLN A 71 19.17 13.54 8.04
C GLN A 71 17.67 13.17 7.90
N ASN A 72 17.16 13.27 6.69
CA ASN A 72 15.76 13.00 6.43
C ASN A 72 15.41 11.53 6.71
N GLY A 73 16.35 10.65 6.37
CA GLY A 73 16.20 9.23 6.56
C GLY A 73 16.09 8.90 8.03
N ILE A 74 16.95 9.51 8.85
CA ILE A 74 16.92 9.24 10.27
CA ILE A 74 16.94 9.25 10.27
C ILE A 74 15.64 9.74 10.89
N LYS A 75 15.25 10.95 10.53
CA LYS A 75 13.96 11.52 10.95
CA LYS A 75 13.96 11.52 10.95
C LYS A 75 12.81 10.55 10.64
N ARG A 76 12.82 9.96 9.45
CA ARG A 76 11.78 9.03 9.08
C ARG A 76 11.81 7.72 9.87
N VAL A 77 13.01 7.17 10.11
CA VAL A 77 13.12 5.96 10.91
C VAL A 77 12.56 6.22 12.31
N LYS A 78 12.89 7.38 12.87
CA LYS A 78 12.40 7.72 14.20
C LYS A 78 10.87 7.83 14.25
N GLU A 79 10.28 8.37 13.18
CA GLU A 79 8.85 8.54 13.15
C GLU A 79 8.13 7.18 13.02
N PHE A 80 8.70 6.30 12.22
CA PHE A 80 8.16 4.95 12.12
C PHE A 80 8.22 4.24 13.48
N LEU A 81 9.36 4.33 14.16
CA LEU A 81 9.45 3.71 15.49
C LEU A 81 8.41 4.26 16.45
N GLU A 82 8.32 5.61 16.51
CA GLU A 82 7.42 6.30 17.41
C GLU A 82 5.96 6.01 17.05
N SER A 83 5.69 5.61 15.82
CA SER A 83 4.31 5.35 15.45
C SER A 83 3.78 4.04 16.07
N SER A 84 4.70 3.17 16.51
CA SER A 84 4.33 1.90 17.15
C SER A 84 5.10 1.74 18.46
N PRO A 85 4.75 2.57 19.45
CA PRO A 85 5.41 2.49 20.75
C PRO A 85 4.90 1.26 21.55
N ASN A 86 5.60 0.90 22.62
CA ASN A 86 5.11 -0.14 23.53
C ASN A 86 4.86 -1.47 22.81
N THR A 87 5.78 -1.83 21.94
CA THR A 87 5.66 -2.93 21.03
C THR A 87 6.99 -3.66 20.95
N GLN A 88 6.94 -4.98 20.82
CA GLN A 88 8.08 -5.74 20.45
C GLN A 88 8.15 -5.88 18.92
N TRP A 89 8.88 -4.95 18.33
CA TRP A 89 9.10 -4.96 16.89
C TRP A 89 9.82 -6.21 16.42
N GLU A 90 9.56 -6.62 15.19
CA GLU A 90 10.39 -7.65 14.56
C GLU A 90 11.57 -6.93 13.90
N LEU A 91 12.76 -7.51 13.96
CA LEU A 91 13.92 -6.91 13.32
C LEU A 91 13.70 -6.64 11.83
N ARG A 92 13.06 -7.56 11.13
CA ARG A 92 12.80 -7.35 9.70
C ARG A 92 12.04 -6.04 9.46
N ALA A 93 11.13 -5.69 10.36
CA ALA A 93 10.37 -4.45 10.17
C ALA A 93 11.25 -3.22 10.36
N PHE A 94 12.06 -3.24 11.41
CA PHE A 94 13.01 -2.17 11.63
C PHE A 94 14.00 -2.05 10.46
N MET A 95 14.53 -3.16 9.99
CA MET A 95 15.44 -3.14 8.83
C MET A 95 14.73 -2.66 7.57
N ALA A 96 13.43 -2.95 7.42
CA ALA A 96 12.69 -2.42 6.28
C ALA A 96 12.58 -0.89 6.34
N VAL A 97 12.27 -0.37 7.53
CA VAL A 97 12.21 1.07 7.72
C VAL A 97 13.53 1.72 7.33
N MET A 98 14.63 1.14 7.78
CA MET A 98 15.96 1.63 7.47
CA MET A 98 15.94 1.66 7.46
C MET A 98 16.23 1.60 5.96
N HIS A 99 16.05 0.43 5.38
CA HIS A 99 16.32 0.20 3.98
C HIS A 99 15.51 1.13 3.10
N PHE A 100 14.21 1.24 3.35
CA PHE A 100 13.33 2.03 2.50
C PHE A 100 13.30 3.52 2.86
N SER A 101 14.14 3.93 3.79
CA SER A 101 14.31 5.35 4.15
C SER A 101 15.70 5.91 3.85
N LEU A 102 16.72 5.06 3.88
CA LEU A 102 18.10 5.54 3.77
C LEU A 102 18.74 5.24 2.45
N THR A 103 18.16 4.34 1.67
CA THR A 103 18.81 3.92 0.44
C THR A 103 18.14 4.48 -0.81
N ALA A 104 18.63 4.05 -1.98
CA ALA A 104 18.06 4.52 -3.25
C ALA A 104 16.70 3.89 -3.51
N ASP A 105 16.43 2.78 -2.81
CA ASP A 105 15.19 2.03 -2.90
C ASP A 105 14.21 2.71 -1.94
N ARG A 106 13.20 3.38 -2.47
CA ARG A 106 12.33 4.18 -1.61
C ARG A 106 10.93 3.71 -1.78
N ILE A 107 10.22 3.52 -0.66
CA ILE A 107 8.78 3.31 -0.70
C ILE A 107 8.13 4.42 0.13
N ASP A 108 7.01 4.99 -0.36
CA ASP A 108 6.37 6.06 0.34
C ASP A 108 5.72 5.58 1.63
N ASP A 109 5.46 6.54 2.52
CA ASP A 109 4.95 6.25 3.88
C ASP A 109 3.72 5.36 3.88
N ASP A 110 2.78 5.62 2.98
CA ASP A 110 1.53 4.89 3.01
C ASP A 110 1.75 3.38 2.84
N ILE A 111 2.50 3.03 1.83
CA ILE A 111 2.80 1.61 1.58
C ILE A 111 3.80 1.04 2.60
N LEU A 112 4.80 1.84 2.99
CA LEU A 112 5.81 1.30 3.91
C LEU A 112 5.14 1.00 5.25
N LYS A 113 4.21 1.84 5.68
CA LYS A 113 3.52 1.56 6.93
C LYS A 113 2.73 0.23 6.90
N VAL A 114 2.06 -0.03 5.80
CA VAL A 114 1.37 -1.31 5.60
C VAL A 114 2.35 -2.50 5.74
N ILE A 115 3.49 -2.38 5.09
CA ILE A 115 4.56 -3.41 5.18
C ILE A 115 5.07 -3.60 6.61
N VAL A 116 5.40 -2.51 7.24
CA VAL A 116 5.95 -2.54 8.58
C VAL A 116 4.93 -3.11 9.57
N ASP A 117 3.68 -2.69 9.48
CA ASP A 117 2.67 -3.20 10.40
C ASP A 117 2.47 -4.71 10.18
N SER A 118 2.47 -5.14 8.92
CA SER A 118 2.37 -6.56 8.61
C SER A 118 3.50 -7.33 9.28
N MET A 119 4.72 -6.88 9.06
CA MET A 119 5.89 -7.55 9.67
C MET A 119 5.83 -7.57 11.18
N ASN A 120 5.46 -6.45 11.78
CA ASN A 120 5.42 -6.38 13.23
C ASN A 120 4.34 -7.25 13.84
N HIS A 121 3.28 -7.52 13.08
CA HIS A 121 2.20 -8.37 13.58
C HIS A 121 2.38 -9.81 13.05
N HIS A 122 3.60 -10.14 12.65
CA HIS A 122 3.95 -11.52 12.32
C HIS A 122 3.24 -12.01 11.05
N GLY A 123 2.93 -11.10 10.13
CA GLY A 123 2.33 -11.48 8.88
C GLY A 123 3.33 -11.60 7.76
N ASP A 124 2.83 -11.98 6.58
CA ASP A 124 3.62 -12.01 5.36
C ASP A 124 3.28 -10.75 4.59
N ALA A 125 4.23 -9.81 4.54
CA ALA A 125 3.98 -8.52 3.94
C ALA A 125 3.80 -8.66 2.43
N ARG A 126 4.40 -9.70 1.84
CA ARG A 126 4.23 -9.95 0.41
C ARG A 126 2.77 -10.25 0.13
N SER A 127 2.17 -11.07 0.97
CA SER A 127 0.74 -11.40 0.82
C SER A 127 -0.13 -10.16 1.01
N LYS A 128 0.20 -9.34 2.00
CA LYS A 128 -0.54 -8.09 2.24
C LYS A 128 -0.48 -7.17 1.02
N LEU A 129 0.70 -6.99 0.44
CA LEU A 129 0.83 -6.12 -0.74
C LEU A 129 0.04 -6.66 -1.94
N ARG A 130 0.09 -7.97 -2.12
CA ARG A 130 -0.64 -8.63 -3.21
C ARG A 130 -2.12 -8.34 -3.09
N GLU A 131 -2.65 -8.47 -1.87
CA GLU A 131 -4.08 -8.30 -1.63
C GLU A 131 -4.50 -6.88 -1.90
N GLU A 132 -3.72 -5.94 -1.41
CA GLU A 132 -4.00 -4.53 -1.64
C GLU A 132 -3.97 -4.22 -3.13
N LEU A 133 -2.94 -4.68 -3.82
CA LEU A 133 -2.79 -4.43 -5.25
C LEU A 133 -3.97 -5.00 -6.05
N ALA A 134 -4.42 -6.19 -5.71
CA ALA A 134 -5.58 -6.80 -6.38
C ALA A 134 -6.84 -5.95 -6.26
N GLU A 135 -7.11 -5.42 -5.07
CA GLU A 135 -8.28 -4.55 -4.88
C GLU A 135 -8.15 -3.26 -5.70
N LEU A 136 -6.98 -2.64 -5.64
CA LEU A 136 -6.75 -1.41 -6.36
C LEU A 136 -6.87 -1.66 -7.85
N THR A 137 -6.27 -2.75 -8.32
CA THR A 137 -6.29 -3.08 -9.75
C THR A 137 -7.71 -3.32 -10.25
N ALA A 138 -8.54 -3.94 -9.41
CA ALA A 138 -9.93 -4.18 -9.79
C ALA A 138 -10.71 -2.88 -9.82
N GLU A 139 -10.49 -2.00 -8.86
CA GLU A 139 -11.16 -0.70 -8.87
C GLU A 139 -10.77 0.09 -10.12
N LEU A 140 -9.49 0.07 -10.47
CA LEU A 140 -9.01 0.71 -11.68
C LEU A 140 -9.69 0.13 -12.95
N LYS A 141 -9.89 -1.18 -12.97
CA LYS A 141 -10.52 -1.85 -14.10
C LYS A 141 -11.95 -1.34 -14.29
N ILE A 142 -12.67 -1.20 -13.17
CA ILE A 142 -14.03 -0.67 -13.19
C ILE A 142 -14.03 0.77 -13.70
N TYR A 143 -13.11 1.58 -13.20
CA TYR A 143 -12.96 2.95 -13.71
C TYR A 143 -12.63 2.99 -15.21
N SER A 144 -11.83 2.05 -15.68
CA SER A 144 -11.51 2.01 -17.12
C SER A 144 -12.74 1.72 -17.99
N VAL A 145 -13.64 0.88 -17.47
CA VAL A 145 -14.90 0.61 -18.14
C VAL A 145 -15.73 1.88 -18.23
N ILE A 146 -15.80 2.61 -17.12
CA ILE A 146 -16.57 3.87 -17.05
C ILE A 146 -15.95 4.89 -17.99
N GLN A 147 -14.64 5.02 -17.93
CA GLN A 147 -13.94 5.95 -18.81
C GLN A 147 -14.20 5.70 -20.31
N ALA A 148 -14.19 4.43 -20.69
CA ALA A 148 -14.38 4.02 -22.08
C ALA A 148 -15.79 4.42 -22.51
N GLU A 149 -16.76 4.22 -21.62
CA GLU A 149 -18.14 4.58 -21.95
C GLU A 149 -18.29 6.11 -22.07
N ILE A 150 -17.66 6.85 -21.18
CA ILE A 150 -17.70 8.32 -21.24
C ILE A 150 -17.07 8.81 -22.54
N ASN A 151 -15.92 8.25 -22.85
CA ASN A 151 -15.14 8.70 -24.01
C ASN A 151 -15.87 8.43 -25.33
N LYS A 152 -16.68 7.38 -25.34
CA LYS A 152 -17.52 7.07 -26.48
C LYS A 152 -18.47 8.23 -26.74
N HIS A 153 -19.15 8.69 -25.69
CA HIS A 153 -20.08 9.82 -25.82
C HIS A 153 -19.38 11.17 -26.07
N LEU A 154 -18.23 11.39 -25.45
CA LEU A 154 -17.47 12.61 -25.73
C LEU A 154 -17.09 12.67 -27.23
N SER A 155 -16.61 11.56 -27.80
CA SER A 155 -16.21 11.52 -29.21
C SER A 155 -17.38 11.81 -30.14
N SER A 156 -18.56 11.36 -29.73
CA SER A 156 -19.75 11.48 -30.55
CA SER A 156 -19.75 11.49 -30.56
C SER A 156 -20.57 12.72 -30.20
N SER A 157 -20.07 13.56 -29.29
CA SER A 157 -20.82 14.75 -28.81
C SER A 157 -22.19 14.39 -28.28
N GLY A 158 -22.32 13.16 -27.79
CA GLY A 158 -23.59 12.62 -27.35
C GLY A 158 -23.83 12.77 -25.86
N THR A 159 -24.80 12.02 -25.35
CA THR A 159 -25.23 12.17 -23.97
C THR A 159 -25.13 10.83 -23.28
N ILE A 160 -24.34 10.77 -22.21
CA ILE A 160 -24.27 9.54 -21.45
C ILE A 160 -25.24 9.61 -20.26
N ASN A 161 -25.99 8.53 -20.09
CA ASN A 161 -26.86 8.39 -18.93
C ASN A 161 -26.13 7.49 -17.95
N ILE A 162 -26.04 7.94 -16.69
CA ILE A 162 -25.30 7.19 -15.67
C ILE A 162 -26.24 6.72 -14.57
N HIS A 163 -27.54 6.83 -14.82
CA HIS A 163 -28.56 6.40 -13.87
C HIS A 163 -29.40 5.23 -14.43
N ASP A 164 -30.70 5.41 -14.70
CA ASP A 164 -31.53 4.25 -15.04
C ASP A 164 -31.30 3.67 -16.44
N LYS A 165 -30.58 4.40 -17.29
CA LYS A 165 -30.21 3.89 -18.60
C LYS A 165 -28.71 3.71 -18.67
N SER A 166 -28.10 3.58 -17.50
CA SER A 166 -26.65 3.37 -17.42
C SER A 166 -26.28 1.99 -17.96
N ILE A 167 -25.05 1.83 -18.42
CA ILE A 167 -24.48 0.47 -18.52
C ILE A 167 -24.53 -0.14 -17.13
N ASN A 168 -24.65 -1.45 -17.07
CA ASN A 168 -24.74 -2.15 -15.79
C ASN A 168 -23.35 -2.66 -15.46
N LEU A 169 -22.72 -2.08 -14.42
CA LEU A 169 -21.35 -2.42 -14.08
C LEU A 169 -21.25 -3.81 -13.49
N MET A 170 -22.39 -4.42 -13.15
CA MET A 170 -22.46 -5.80 -12.69
C MET A 170 -22.53 -6.86 -13.83
N ASP A 171 -22.42 -6.41 -15.09
CA ASP A 171 -22.44 -7.32 -16.24
C ASP A 171 -21.05 -7.89 -16.43
N LYS A 172 -20.94 -9.20 -16.17
CA LYS A 172 -19.65 -9.89 -16.26
C LYS A 172 -18.94 -9.67 -17.58
N ASN A 173 -19.71 -9.45 -18.65
CA ASN A 173 -19.11 -9.34 -19.96
C ASN A 173 -18.24 -8.09 -20.11
N LEU A 174 -18.48 -7.07 -19.29
CA LEU A 174 -17.68 -5.83 -19.36
C LEU A 174 -16.24 -6.08 -18.95
N TYR A 175 -16.01 -7.19 -18.24
CA TYR A 175 -14.71 -7.51 -17.68
C TYR A 175 -14.09 -8.77 -18.29
N GLY A 176 -14.70 -9.27 -19.34
CA GLY A 176 -14.14 -10.41 -20.07
C GLY A 176 -14.63 -11.77 -19.62
N TYR A 177 -15.55 -11.80 -18.66
CA TYR A 177 -16.04 -13.07 -18.11
C TYR A 177 -17.19 -13.64 -18.92
N THR A 178 -17.16 -14.95 -19.10
CA THR A 178 -18.26 -15.69 -19.69
C THR A 178 -18.96 -16.69 -18.75
N ASP A 179 -18.57 -16.71 -17.48
CA ASP A 179 -19.25 -17.54 -16.51
C ASP A 179 -19.52 -16.73 -15.24
N GLU A 180 -20.77 -16.70 -14.83
CA GLU A 180 -21.19 -15.92 -13.65
C GLU A 180 -20.51 -16.36 -12.36
N GLU A 181 -20.30 -17.66 -12.14
CA GLU A 181 -19.66 -18.08 -10.89
C GLU A 181 -18.22 -17.61 -10.84
N ILE A 182 -17.52 -17.68 -11.96
CA ILE A 182 -16.14 -17.20 -12.03
C ILE A 182 -16.11 -15.67 -11.75
N PHE A 183 -17.03 -14.93 -12.38
CA PHE A 183 -17.11 -13.51 -12.12
C PHE A 183 -17.34 -13.21 -10.63
N LYS A 184 -18.19 -14.00 -9.98
CA LYS A 184 -18.51 -13.75 -8.58
C LYS A 184 -17.31 -14.00 -7.67
N ALA A 185 -16.33 -14.77 -8.15
CA ALA A 185 -15.10 -14.96 -7.39
C ALA A 185 -14.00 -13.88 -7.64
N SER A 186 -14.26 -12.95 -8.54
CA SER A 186 -13.27 -11.97 -8.97
C SER A 186 -13.14 -10.80 -7.98
N ALA A 187 -11.96 -10.18 -8.01
CA ALA A 187 -11.68 -8.93 -7.29
C ALA A 187 -12.70 -7.85 -7.70
N GLU A 188 -13.05 -7.83 -8.98
CA GLU A 188 -14.01 -6.83 -9.46
C GLU A 188 -15.36 -6.99 -8.75
N TYR A 189 -15.87 -8.20 -8.75
CA TYR A 189 -17.12 -8.48 -8.07
C TYR A 189 -17.07 -8.12 -6.60
N LYS A 190 -15.93 -8.39 -5.95
CA LYS A 190 -15.84 -8.08 -4.54
C LYS A 190 -16.06 -6.57 -4.29
N ILE A 191 -15.65 -5.72 -5.22
CA ILE A 191 -15.92 -4.29 -5.10
C ILE A 191 -17.39 -4.05 -5.44
N LEU A 192 -17.83 -4.63 -6.54
CA LEU A 192 -19.16 -4.30 -7.06
C LEU A 192 -20.28 -4.71 -6.12
N GLU A 193 -20.09 -5.83 -5.42
CA GLU A 193 -21.11 -6.33 -4.48
C GLU A 193 -21.33 -5.40 -3.27
N LYS A 194 -20.42 -4.46 -3.04
CA LYS A 194 -20.57 -3.48 -1.96
C LYS A 194 -21.26 -2.20 -2.43
N MET A 195 -21.61 -2.12 -3.73
CA MET A 195 -22.08 -0.89 -4.31
C MET A 195 -23.61 -0.83 -4.25
N PRO A 196 -24.17 0.38 -4.19
CA PRO A 196 -25.61 0.52 -4.33
C PRO A 196 -26.10 -0.01 -5.68
N GLN A 197 -27.37 -0.39 -5.73
CA GLN A 197 -27.99 -0.89 -6.95
C GLN A 197 -29.20 -0.06 -7.29
N THR A 198 -29.51 -0.03 -8.58
CA THR A 198 -30.62 0.77 -9.11
C THR A 198 -31.57 -0.23 -9.70
N THR A 199 -32.88 -0.03 -9.49
CA THR A 199 -33.88 -0.93 -10.05
C THR A 199 -34.44 -0.36 -11.34
N ILE A 200 -34.45 -1.19 -12.38
CA ILE A 200 -35.00 -0.83 -13.67
C ILE A 200 -36.00 -1.91 -14.09
N GLN A 201 -36.88 -1.58 -15.03
CA GLN A 201 -37.82 -2.58 -15.49
C GLN A 201 -37.41 -3.02 -16.88
N VAL A 202 -37.40 -4.33 -17.09
CA VAL A 202 -37.11 -4.87 -18.41
C VAL A 202 -38.18 -5.88 -18.76
N ASP A 203 -38.92 -5.59 -19.84
CA ASP A 203 -39.90 -6.54 -20.35
C ASP A 203 -40.91 -6.86 -19.26
N GLY A 204 -41.18 -5.89 -18.38
CA GLY A 204 -42.13 -6.04 -17.31
C GLY A 204 -41.65 -6.72 -16.05
N SER A 205 -40.35 -7.01 -15.97
CA SER A 205 -39.73 -7.58 -14.79
C SER A 205 -38.73 -6.59 -14.24
N GLU A 206 -38.52 -6.63 -12.92
CA GLU A 206 -37.51 -5.81 -12.28
C GLU A 206 -36.13 -6.42 -12.53
N LYS A 207 -35.15 -5.55 -12.77
CA LYS A 207 -33.77 -5.95 -12.98
C LYS A 207 -32.93 -5.03 -12.09
N LYS A 208 -31.94 -5.57 -11.40
CA LYS A 208 -31.01 -4.75 -10.63
C LYS A 208 -29.71 -4.50 -11.39
N ILE A 209 -29.25 -3.25 -11.36
CA ILE A 209 -27.94 -2.92 -11.96
C ILE A 209 -27.10 -2.14 -10.98
N VAL A 210 -25.80 -2.14 -11.20
CA VAL A 210 -24.98 -1.14 -10.57
C VAL A 210 -24.69 -0.08 -11.62
N SER A 211 -25.33 1.08 -11.48
CA SER A 211 -25.15 2.15 -12.44
C SER A 211 -23.81 2.83 -12.26
N ILE A 212 -23.38 3.60 -13.25
CA ILE A 212 -22.17 4.38 -13.15
C ILE A 212 -22.27 5.34 -11.94
N LYS A 213 -23.44 5.95 -11.76
CA LYS A 213 -23.69 6.84 -10.64
C LYS A 213 -23.60 6.12 -9.29
N ASP A 214 -24.12 4.89 -9.23
CA ASP A 214 -24.05 4.05 -8.04
C ASP A 214 -22.58 3.87 -7.65
N PHE A 215 -21.75 3.48 -8.62
CA PHE A 215 -20.36 3.23 -8.32
C PHE A 215 -19.61 4.51 -7.95
N LEU A 216 -19.79 5.56 -8.74
CA LEU A 216 -19.00 6.79 -8.56
C LEU A 216 -19.33 7.50 -7.26
N GLY A 217 -20.56 7.36 -6.81
CA GLY A 217 -21.03 8.06 -5.63
C GLY A 217 -20.79 7.30 -4.34
N SER A 218 -20.24 6.10 -4.46
CA SER A 218 -20.06 5.26 -3.30
C SER A 218 -18.79 5.58 -2.54
N GLU A 219 -18.90 5.48 -1.23
CA GLU A 219 -17.82 5.79 -0.31
C GLU A 219 -16.96 4.53 -0.16
N ASN A 220 -17.54 3.38 -0.49
CA ASN A 220 -16.90 2.09 -0.26
C ASN A 220 -15.90 1.67 -1.33
N LYS A 221 -14.93 2.53 -1.61
CA LYS A 221 -13.86 2.22 -2.53
C LYS A 221 -12.65 3.11 -2.20
N ARG A 222 -11.50 2.76 -2.75
CA ARG A 222 -10.25 3.45 -2.41
C ARG A 222 -10.23 4.92 -2.83
N THR A 223 -10.95 5.25 -3.91
CA THR A 223 -10.95 6.63 -4.42
C THR A 223 -12.02 7.51 -3.78
N GLY A 224 -12.94 6.90 -3.06
CA GLY A 224 -13.94 7.67 -2.34
C GLY A 224 -15.01 8.22 -3.28
N ALA A 225 -15.91 9.03 -2.73
CA ALA A 225 -17.13 9.38 -3.45
C ALA A 225 -16.99 10.62 -4.34
N LEU A 226 -17.72 10.62 -5.46
CA LEU A 226 -17.96 11.84 -6.22
C LEU A 226 -19.37 12.33 -5.89
N GLY A 227 -19.50 13.64 -5.62
CA GLY A 227 -20.78 14.25 -5.27
C GLY A 227 -21.32 15.14 -6.37
N ASN A 228 -22.55 15.61 -6.19
CA ASN A 228 -23.18 16.51 -7.15
C ASN A 228 -23.36 15.84 -8.51
N LEU A 229 -23.61 14.53 -8.51
CA LEU A 229 -23.74 13.79 -9.77
C LEU A 229 -25.13 13.92 -10.34
N LYS A 230 -25.18 14.15 -11.66
CA LYS A 230 -26.42 14.27 -12.40
C LYS A 230 -26.72 12.92 -13.07
N ASN A 231 -27.92 12.77 -13.60
CA ASN A 231 -28.31 11.52 -14.23
C ASN A 231 -27.78 11.35 -15.64
N SER A 232 -27.43 12.46 -16.27
CA SER A 232 -26.91 12.40 -17.63
C SER A 232 -26.01 13.58 -17.87
N TYR A 233 -25.14 13.42 -18.86
CA TYR A 233 -24.14 14.43 -19.22
C TYR A 233 -24.07 14.51 -20.75
N SER A 234 -24.28 15.70 -21.30
CA SER A 234 -24.17 15.90 -22.75
C SER A 234 -22.86 16.58 -23.15
N TYR A 235 -22.36 16.21 -24.32
CA TYR A 235 -21.08 16.67 -24.79
C TYR A 235 -21.17 17.44 -26.10
N ASN A 236 -22.32 18.07 -26.35
CA ASN A 236 -22.47 18.95 -27.50
C ASN A 236 -22.19 20.40 -27.12
N LEU A 256 -17.23 16.33 -14.65
CA LEU A 256 -17.36 14.89 -14.40
C LEU A 256 -16.28 14.10 -15.12
N ASN A 257 -16.23 14.21 -16.44
CA ASN A 257 -15.23 13.47 -17.18
C ASN A 257 -13.84 13.87 -16.67
N ASP A 258 -13.71 15.11 -16.20
CA ASP A 258 -12.44 15.56 -15.61
C ASP A 258 -12.23 14.94 -14.22
N LEU A 259 -13.28 14.90 -13.41
CA LEU A 259 -13.18 14.30 -12.08
C LEU A 259 -12.84 12.82 -12.18
N VAL A 260 -13.47 12.13 -13.12
CA VAL A 260 -13.21 10.70 -13.33
C VAL A 260 -11.76 10.47 -13.77
N SER A 261 -11.29 11.28 -14.71
CA SER A 261 -9.90 11.22 -15.14
C SER A 261 -8.94 11.47 -13.97
N GLN A 262 -9.29 12.38 -13.07
CA GLN A 262 -8.40 12.68 -11.94
C GLN A 262 -8.33 11.46 -11.03
N LYS A 263 -9.50 10.90 -10.71
CA LYS A 263 -9.57 9.75 -9.80
C LYS A 263 -8.86 8.55 -10.41
N THR A 264 -9.04 8.37 -11.70
CA THR A 264 -8.38 7.27 -12.42
C THR A 264 -6.87 7.46 -12.40
N THR A 265 -6.42 8.69 -12.57
CA THR A 265 -4.97 8.92 -12.49
C THR A 265 -4.44 8.66 -11.06
N GLN A 266 -5.18 9.11 -10.05
CA GLN A 266 -4.74 8.91 -8.66
C GLN A 266 -4.65 7.42 -8.40
N LEU A 267 -5.66 6.71 -8.86
CA LEU A 267 -5.78 5.31 -8.55
C LEU A 267 -4.68 4.56 -9.27
N SER A 268 -4.36 5.02 -10.48
CA SER A 268 -3.35 4.42 -11.32
C SER A 268 -1.95 4.62 -10.69
N ASP A 269 -1.77 5.76 -10.05
CA ASP A 269 -0.51 6.04 -9.35
C ASP A 269 -0.33 5.10 -8.17
N ILE A 270 -1.37 4.98 -7.35
CA ILE A 270 -1.27 4.14 -6.15
C ILE A 270 -0.99 2.70 -6.57
N THR A 271 -1.69 2.26 -7.59
CA THR A 271 -1.53 0.89 -8.09
C THR A 271 -0.10 0.66 -8.59
N SER A 272 0.42 1.60 -9.37
CA SER A 272 1.79 1.56 -9.85
C SER A 272 2.83 1.51 -8.71
N ARG A 273 2.59 2.31 -7.68
CA ARG A 273 3.51 2.27 -6.51
C ARG A 273 3.39 0.97 -5.71
N PHE A 274 2.20 0.40 -5.56
CA PHE A 274 2.10 -0.92 -4.91
C PHE A 274 2.86 -1.96 -5.70
N ASN A 275 2.73 -1.87 -7.01
CA ASN A 275 3.40 -2.77 -7.89
C ASN A 275 4.91 -2.73 -7.73
N SER A 276 5.47 -1.52 -7.77
CA SER A 276 6.90 -1.31 -7.58
CA SER A 276 6.89 -1.30 -7.57
C SER A 276 7.33 -1.74 -6.18
N ALA A 277 6.49 -1.49 -5.18
CA ALA A 277 6.79 -1.93 -3.82
C ALA A 277 6.93 -3.45 -3.70
N ILE A 278 6.20 -4.22 -4.51
CA ILE A 278 6.29 -5.66 -4.47
C ILE A 278 7.69 -6.09 -4.95
N GLU A 279 8.17 -5.47 -6.02
CA GLU A 279 9.51 -5.77 -6.51
C GLU A 279 10.59 -5.40 -5.47
N ALA A 280 10.43 -4.22 -4.86
CA ALA A 280 11.39 -3.72 -3.89
C ALA A 280 11.37 -4.58 -2.63
N LEU A 281 10.19 -5.04 -2.21
CA LEU A 281 10.11 -5.88 -1.01
C LEU A 281 10.75 -7.24 -1.29
N ASN A 282 10.51 -7.78 -2.48
CA ASN A 282 11.18 -9.04 -2.85
C ASN A 282 12.68 -8.90 -2.67
N ARG A 283 13.24 -7.82 -3.20
CA ARG A 283 14.69 -7.60 -3.09
C ARG A 283 15.14 -7.39 -1.64
N PHE A 284 14.35 -6.64 -0.88
CA PHE A 284 14.65 -6.44 0.53
C PHE A 284 14.73 -7.76 1.28
N ILE A 285 13.79 -8.66 1.00
CA ILE A 285 13.74 -9.90 1.76
C ILE A 285 15.00 -10.71 1.48
N GLN A 286 15.43 -10.72 0.22
CA GLN A 286 16.72 -11.34 -0.13
C GLN A 286 17.88 -10.72 0.67
N LYS A 287 17.89 -9.39 0.81
CA LYS A 287 18.93 -8.71 1.59
C LYS A 287 18.87 -9.03 3.08
N TYR A 288 17.67 -9.06 3.63
CA TYR A 288 17.52 -9.37 5.03
C TYR A 288 18.08 -10.78 5.31
N ASP A 289 17.73 -11.73 4.45
CA ASP A 289 18.17 -13.10 4.62
C ASP A 289 19.68 -13.15 4.58
N SER A 290 20.26 -12.41 3.66
CA SER A 290 21.72 -12.31 3.57
C SER A 290 22.36 -11.72 4.83
N VAL A 291 21.77 -10.68 5.41
CA VAL A 291 22.33 -10.08 6.60
C VAL A 291 22.23 -11.02 7.79
N MET A 292 21.12 -11.74 7.92
CA MET A 292 20.98 -12.68 9.05
C MET A 292 22.11 -13.71 9.00
N GLN A 293 22.45 -14.15 7.79
CA GLN A 293 23.55 -15.11 7.60
C GLN A 293 24.86 -14.58 8.16
N ARG A 294 25.09 -13.28 8.00
CA ARG A 294 26.31 -12.70 8.55
C ARG A 294 26.25 -12.57 10.07
N LEU A 295 25.05 -12.40 10.62
CA LEU A 295 24.89 -12.27 12.07
C LEU A 295 25.22 -13.57 12.77
O1 PG4 B . 21.78 -14.68 16.29
C1 PG4 B . 21.03 -13.67 15.60
C2 PG4 B . 20.80 -14.02 14.14
O2 PG4 B . 19.68 -14.91 13.99
C3 PG4 B . 18.98 -14.70 12.76
C4 PG4 B . 19.02 -15.97 11.89
O3 PG4 B . 17.98 -16.90 12.20
C5 PG4 B . 18.47 -17.86 13.12
C6 PG4 B . 18.08 -19.29 12.79
O4 PG4 B . 18.96 -20.15 13.54
#